data_3VYR
#
_entry.id   3VYR
#
_cell.length_a   181.179
_cell.length_b   181.179
_cell.length_c   49.433
_cell.angle_alpha   90.00
_cell.angle_beta   90.00
_cell.angle_gamma   120.00
#
_symmetry.space_group_name_H-M   'P 3 2 1'
#
loop_
_entity.id
_entity.type
_entity.pdbx_description
1 polymer 'Hydrogenase expression/formation protein HypC'
2 polymer 'Hydrogenase expression/formation protein HypD'
3 non-polymer 'CITRIC ACID'
4 non-polymer 'IRON/SULFUR CLUSTER'
5 water water
#
loop_
_entity_poly.entity_id
_entity_poly.type
_entity_poly.pdbx_seq_one_letter_code
_entity_poly.pdbx_strand_id
1 'polypeptide(L)' CLAVPGKVIEVNGPVAVVDFGGVKREVRLDLMPDTKPGDWVIVHTGFAIEKLDEKKAMEILEAWAEVEKAMEGF A
2 'polypeptide(L)'
;MEEPFEAYRSREVAMKLVEKIREEAKTLDGEIRIMHVCGTHEDTVTRHGIRSLLPENVKVVSGPGCPVCITPVEDIVAMQ
LIMRKAREEGEEIILTTFGDMYKIPTPMGSFADLKSEGFDVRIVYGIFDTYRIAKENPDKTVVHFSPGFETTTAPAAGML
NVAAQEELENFKIYSVHRLTPPAVEVLLKQGTVFQGLIAPGHVSTIIGVKGWEYLTEKYGIPQVVAGFEPNDVLMAILML
IRMYKEGEARIINEYERAVKYEGNVVAQKMIDKFFEVVDAKWRALGVFPKSGLELRKEWKDFEIRSFYKVEVPKNLPDLE
KGCRCGAVLRGLALPTDCPLFGKTCTPRHPVGPCMVSYEGTCQIFYKYGVLF
;
B
#
# COMPACT_ATOMS: atom_id res chain seq x y z
N ALA A 3 -6.84 9.40 0.22
CA ALA A 3 -7.82 8.32 -0.13
C ALA A 3 -9.26 8.72 0.23
N VAL A 4 -10.02 9.17 -0.77
CA VAL A 4 -11.40 9.59 -0.56
C VAL A 4 -12.39 8.65 -1.23
N PRO A 5 -13.54 8.38 -0.59
CA PRO A 5 -14.55 7.49 -1.16
C PRO A 5 -15.32 8.21 -2.26
N GLY A 6 -15.96 7.44 -3.13
CA GLY A 6 -16.72 8.06 -4.20
C GLY A 6 -18.10 7.45 -4.35
N LYS A 7 -19.02 8.23 -4.92
CA LYS A 7 -20.37 7.74 -5.13
C LYS A 7 -20.54 7.33 -6.60
N VAL A 8 -20.99 6.10 -6.81
CA VAL A 8 -21.19 5.59 -8.15
C VAL A 8 -22.44 6.25 -8.73
N ILE A 9 -22.27 6.99 -9.83
CA ILE A 9 -23.41 7.65 -10.45
C ILE A 9 -23.78 7.00 -11.78
N GLU A 10 -22.88 6.18 -12.32
CA GLU A 10 -23.12 5.51 -13.59
C GLU A 10 -22.42 4.15 -13.67
N VAL A 11 -23.10 3.13 -14.21
CA VAL A 11 -22.49 1.82 -14.37
C VAL A 11 -22.73 1.30 -15.79
N ASN A 12 -21.65 0.96 -16.48
CA ASN A 12 -21.71 0.47 -17.85
C ASN A 12 -20.75 -0.70 -18.01
N GLY A 13 -21.24 -1.91 -17.77
CA GLY A 13 -20.36 -3.05 -17.87
C GLY A 13 -19.29 -2.99 -16.78
N PRO A 14 -18.03 -3.22 -17.14
CA PRO A 14 -16.92 -3.19 -16.18
C PRO A 14 -16.44 -1.78 -15.82
N VAL A 15 -17.13 -0.75 -16.33
CA VAL A 15 -16.73 0.62 -16.02
C VAL A 15 -17.84 1.43 -15.38
N ALA A 16 -17.48 2.18 -14.34
CA ALA A 16 -18.41 3.03 -13.61
C ALA A 16 -17.93 4.48 -13.62
N VAL A 17 -18.85 5.41 -13.41
CA VAL A 17 -18.50 6.82 -13.31
C VAL A 17 -18.69 7.10 -11.82
N VAL A 18 -17.61 7.44 -11.15
CA VAL A 18 -17.66 7.70 -9.73
C VAL A 18 -17.45 9.19 -9.43
N ASP A 19 -18.27 9.69 -8.51
CA ASP A 19 -18.23 11.08 -8.13
C ASP A 19 -17.49 11.29 -6.83
N PHE A 20 -16.35 11.94 -6.91
CA PHE A 20 -15.53 12.26 -5.74
C PHE A 20 -15.57 13.75 -5.48
N GLY A 21 -16.50 14.22 -4.66
CA GLY A 21 -16.56 15.64 -4.38
C GLY A 21 -16.72 16.54 -5.59
N GLY A 22 -17.58 16.17 -6.52
CA GLY A 22 -17.81 16.95 -7.71
C GLY A 22 -16.89 16.64 -8.88
N VAL A 23 -15.94 15.75 -8.67
CA VAL A 23 -15.03 15.36 -9.75
C VAL A 23 -15.43 13.94 -10.10
N LYS A 24 -15.73 13.71 -11.37
CA LYS A 24 -16.20 12.39 -11.80
C LYS A 24 -15.13 11.72 -12.61
N ARG A 25 -14.86 10.45 -12.30
CA ARG A 25 -13.82 9.69 -12.99
C ARG A 25 -14.33 8.31 -13.35
N GLU A 26 -13.72 7.68 -14.35
CA GLU A 26 -14.15 6.34 -14.73
C GLU A 26 -13.34 5.36 -13.91
N VAL A 27 -14.03 4.35 -13.39
CA VAL A 27 -13.43 3.36 -12.53
C VAL A 27 -13.74 1.95 -12.99
N ARG A 28 -12.74 1.09 -12.94
CA ARG A 28 -12.93 -0.29 -13.33
C ARG A 28 -13.63 -1.04 -12.19
N LEU A 29 -14.59 -1.88 -12.56
CA LEU A 29 -15.36 -2.63 -11.57
C LEU A 29 -15.03 -4.12 -11.47
N ASP A 30 -13.99 -4.55 -12.18
CA ASP A 30 -13.58 -5.96 -12.18
C ASP A 30 -13.49 -6.61 -10.81
N LEU A 31 -13.10 -5.86 -9.80
CA LEU A 31 -12.98 -6.41 -8.45
C LEU A 31 -14.25 -6.25 -7.60
N MET A 32 -15.25 -5.58 -8.15
CA MET A 32 -16.53 -5.35 -7.49
C MET A 32 -17.62 -5.37 -8.55
N PRO A 33 -17.74 -6.50 -9.22
CA PRO A 33 -18.71 -6.70 -10.31
C PRO A 33 -20.16 -6.31 -10.02
N ASP A 34 -20.62 -6.49 -8.79
CA ASP A 34 -22.01 -6.18 -8.44
C ASP A 34 -22.23 -4.74 -8.02
N THR A 35 -21.30 -3.85 -8.36
CA THR A 35 -21.42 -2.44 -8.01
C THR A 35 -22.58 -1.83 -8.79
N LYS A 36 -23.32 -0.94 -8.14
CA LYS A 36 -24.45 -0.31 -8.82
C LYS A 36 -24.58 1.16 -8.49
N PRO A 37 -25.32 1.91 -9.31
CA PRO A 37 -25.49 3.34 -9.05
C PRO A 37 -25.96 3.56 -7.62
N GLY A 38 -25.35 4.52 -6.94
CA GLY A 38 -25.72 4.80 -5.56
C GLY A 38 -24.71 4.24 -4.58
N ASP A 39 -24.01 3.19 -4.96
CA ASP A 39 -23.02 2.60 -4.07
C ASP A 39 -21.88 3.56 -3.76
N TRP A 40 -21.33 3.43 -2.56
CA TRP A 40 -20.21 4.25 -2.14
C TRP A 40 -19.05 3.29 -2.19
N VAL A 41 -18.01 3.63 -2.95
CA VAL A 41 -16.88 2.74 -3.05
C VAL A 41 -15.53 3.37 -2.78
N ILE A 42 -14.57 2.52 -2.47
CA ILE A 42 -13.20 2.95 -2.21
C ILE A 42 -12.52 2.58 -3.52
N VAL A 43 -11.79 3.53 -4.10
CA VAL A 43 -11.12 3.30 -5.36
C VAL A 43 -9.61 3.38 -5.17
N HIS A 44 -8.88 2.47 -5.80
CA HIS A 44 -7.43 2.47 -5.69
C HIS A 44 -6.89 2.27 -7.10
N THR A 45 -5.97 3.15 -7.50
CA THR A 45 -5.37 3.10 -8.83
C THR A 45 -6.39 2.82 -9.93
N GLY A 46 -7.53 3.49 -9.85
CA GLY A 46 -8.54 3.31 -10.88
C GLY A 46 -9.55 2.18 -10.72
N PHE A 47 -9.38 1.37 -9.70
CA PHE A 47 -10.28 0.25 -9.47
C PHE A 47 -11.02 0.33 -8.15
N ALA A 48 -12.31 0.01 -8.18
CA ALA A 48 -13.12 0.02 -6.99
C ALA A 48 -12.71 -1.27 -6.26
N ILE A 49 -12.28 -1.17 -5.00
CA ILE A 49 -11.88 -2.36 -4.26
C ILE A 49 -12.84 -2.83 -3.18
N GLU A 50 -13.77 -1.96 -2.76
CA GLU A 50 -14.77 -2.31 -1.75
C GLU A 50 -15.87 -1.28 -1.59
N LYS A 51 -17.01 -1.75 -1.10
CA LYS A 51 -18.18 -0.93 -0.87
C LYS A 51 -18.26 -0.43 0.57
N LEU A 52 -18.88 0.72 0.78
CA LEU A 52 -19.06 1.29 2.11
C LEU A 52 -20.55 1.38 2.36
N ASP A 53 -21.05 0.60 3.30
CA ASP A 53 -22.48 0.62 3.59
C ASP A 53 -22.75 1.14 5.00
N GLU A 54 -23.03 2.43 5.12
CA GLU A 54 -23.27 2.98 6.43
C GLU A 54 -24.52 2.36 7.05
N LYS A 55 -25.51 2.05 6.22
CA LYS A 55 -26.74 1.44 6.71
C LYS A 55 -26.39 0.15 7.45
N LYS A 56 -25.69 -0.75 6.75
CA LYS A 56 -25.29 -2.01 7.33
C LYS A 56 -24.58 -1.77 8.68
N ALA A 57 -23.54 -0.93 8.64
CA ALA A 57 -22.76 -0.61 9.82
C ALA A 57 -23.62 -0.13 10.98
N MET A 58 -24.60 0.72 10.70
CA MET A 58 -25.47 1.19 11.78
C MET A 58 -26.30 0.05 12.35
N GLU A 59 -26.72 -0.87 11.47
CA GLU A 59 -27.51 -2.00 11.90
C GLU A 59 -26.72 -2.93 12.83
N ILE A 60 -25.50 -3.24 12.45
CA ILE A 60 -24.67 -4.08 13.29
C ILE A 60 -24.52 -3.41 14.66
N LEU A 61 -24.25 -2.10 14.67
CA LEU A 61 -24.08 -1.35 15.91
C LEU A 61 -25.32 -1.44 16.79
N GLU A 62 -26.49 -1.15 16.22
CA GLU A 62 -27.73 -1.21 16.99
C GLU A 62 -27.97 -2.62 17.52
N ALA A 63 -27.72 -3.62 16.67
CA ALA A 63 -27.88 -5.01 17.08
C ALA A 63 -27.03 -5.29 18.32
N TRP A 64 -25.76 -4.89 18.26
CA TRP A 64 -24.85 -5.07 19.37
C TRP A 64 -25.33 -4.36 20.62
N ALA A 65 -25.78 -3.12 20.48
CA ALA A 65 -26.28 -2.35 21.62
C ALA A 65 -27.49 -3.03 22.24
N GLU A 66 -28.40 -3.52 21.39
CA GLU A 66 -29.60 -4.19 21.86
C GLU A 66 -29.26 -5.43 22.69
N VAL A 67 -28.26 -6.19 22.26
CA VAL A 67 -27.89 -7.35 23.04
C VAL A 67 -27.32 -6.92 24.38
N GLU A 68 -26.42 -5.93 24.38
CA GLU A 68 -25.83 -5.47 25.65
C GLU A 68 -26.86 -4.83 26.57
N LYS A 69 -27.71 -3.98 26.00
CA LYS A 69 -28.73 -3.31 26.78
C LYS A 69 -29.59 -4.38 27.45
N ALA A 70 -29.93 -5.43 26.71
CA ALA A 70 -30.75 -6.49 27.26
C ALA A 70 -30.03 -7.32 28.32
N MET A 71 -28.74 -7.57 28.12
CA MET A 71 -27.97 -8.34 29.08
C MET A 71 -27.66 -7.55 30.33
N GLU A 72 -27.71 -6.22 30.25
CA GLU A 72 -27.40 -5.39 31.40
C GLU A 72 -28.59 -4.94 32.25
N GLY A 73 -29.79 -4.93 31.69
CA GLY A 73 -30.94 -4.53 32.47
C GLY A 73 -31.86 -3.43 31.99
N PHE A 74 -31.55 -2.81 30.86
CA PHE A 74 -32.38 -1.74 30.31
C PHE A 74 -33.52 -2.28 29.47
N GLU B 2 -22.28 14.55 0.86
CA GLU B 2 -21.58 14.28 2.15
C GLU B 2 -21.20 12.82 2.24
N GLU B 3 -19.93 12.57 2.60
CA GLU B 3 -19.39 11.22 2.72
C GLU B 3 -19.95 10.51 3.95
N PRO B 4 -20.39 9.26 3.79
CA PRO B 4 -20.93 8.58 4.97
C PRO B 4 -19.86 8.44 6.05
N PHE B 5 -20.29 7.94 7.22
CA PHE B 5 -19.41 7.70 8.36
C PHE B 5 -18.73 8.93 8.98
N GLU B 6 -19.47 10.03 9.12
CA GLU B 6 -18.90 11.25 9.69
C GLU B 6 -18.20 11.02 11.04
N ALA B 7 -18.80 10.21 11.90
CA ALA B 7 -18.20 9.95 13.21
C ALA B 7 -16.70 9.62 13.14
N TYR B 8 -16.29 8.90 12.10
CA TYR B 8 -14.89 8.51 11.94
C TYR B 8 -13.94 9.64 11.56
N ARG B 9 -14.48 10.83 11.30
CA ARG B 9 -13.61 11.96 11.00
C ARG B 9 -13.94 13.19 11.83
N SER B 10 -14.67 12.98 12.93
CA SER B 10 -15.04 14.06 13.83
C SER B 10 -13.88 14.46 14.75
N ARG B 11 -13.55 15.74 14.73
CA ARG B 11 -12.46 16.24 15.56
C ARG B 11 -12.77 16.06 17.04
N GLU B 12 -14.04 16.22 17.39
CA GLU B 12 -14.46 16.08 18.78
C GLU B 12 -14.23 14.63 19.25
N VAL B 13 -14.49 13.67 18.37
CA VAL B 13 -14.26 12.26 18.69
C VAL B 13 -12.75 12.00 18.86
N ALA B 14 -11.94 12.62 18.00
CA ALA B 14 -10.48 12.47 18.07
C ALA B 14 -9.97 12.93 19.43
N MET B 15 -10.56 14.00 19.93
CA MET B 15 -10.18 14.55 21.23
C MET B 15 -10.48 13.57 22.36
N LYS B 16 -11.66 12.97 22.35
CA LYS B 16 -11.99 12.02 23.39
C LYS B 16 -11.10 10.78 23.30
N LEU B 17 -10.86 10.32 22.08
CA LEU B 17 -9.99 9.14 21.92
C LEU B 17 -8.59 9.45 22.46
N VAL B 18 -8.05 10.63 22.11
CA VAL B 18 -6.73 11.01 22.59
C VAL B 18 -6.74 11.02 24.12
N GLU B 19 -7.79 11.58 24.70
CA GLU B 19 -7.89 11.63 26.16
C GLU B 19 -7.98 10.21 26.74
N LYS B 20 -8.71 9.32 26.06
CA LYS B 20 -8.87 7.94 26.53
C LYS B 20 -7.55 7.19 26.50
N ILE B 21 -6.80 7.38 25.41
CA ILE B 21 -5.51 6.73 25.24
C ILE B 21 -4.59 7.13 26.39
N ARG B 22 -4.58 8.43 26.74
CA ARG B 22 -3.75 8.92 27.83
C ARG B 22 -4.06 8.23 29.13
N GLU B 23 -5.35 8.11 29.44
CA GLU B 23 -5.73 7.44 30.67
C GLU B 23 -5.22 6.00 30.71
N GLU B 24 -5.49 5.26 29.65
CA GLU B 24 -5.06 3.87 29.58
C GLU B 24 -3.54 3.74 29.69
N ALA B 25 -2.82 4.71 29.14
CA ALA B 25 -1.36 4.67 29.16
C ALA B 25 -0.79 4.90 30.55
N LYS B 26 -1.46 5.73 31.35
CA LYS B 26 -1.01 6.00 32.73
C LYS B 26 -0.78 4.70 33.47
N THR B 27 -1.77 3.82 33.42
CA THR B 27 -1.71 2.52 34.07
C THR B 27 -0.99 1.47 33.25
N LEU B 28 -0.15 1.91 32.32
CA LEU B 28 0.60 0.98 31.50
C LEU B 28 1.94 0.76 32.18
N ASP B 29 2.29 -0.51 32.37
CA ASP B 29 3.49 -0.88 33.09
C ASP B 29 4.81 -0.39 32.50
N GLY B 30 4.96 -0.49 31.19
CA GLY B 30 6.20 -0.06 30.57
C GLY B 30 5.96 0.90 29.44
N GLU B 31 6.44 0.53 28.27
CA GLU B 31 6.28 1.32 27.07
C GLU B 31 5.67 0.42 26.02
N ILE B 32 4.73 0.94 25.24
CA ILE B 32 4.12 0.14 24.20
C ILE B 32 4.57 0.68 22.85
N ARG B 33 5.05 -0.23 22.01
CA ARG B 33 5.53 0.12 20.68
C ARG B 33 4.59 -0.50 19.63
N ILE B 34 3.92 0.38 18.90
CA ILE B 34 2.95 -0.01 17.89
C ILE B 34 3.41 0.31 16.46
N MET B 35 3.45 -0.72 15.62
CA MET B 35 3.87 -0.53 14.26
C MET B 35 2.75 -0.62 13.23
N HIS B 36 2.88 0.14 12.17
CA HIS B 36 1.93 0.14 11.08
C HIS B 36 2.79 -0.05 9.84
N VAL B 37 2.22 -0.64 8.80
CA VAL B 37 2.96 -0.86 7.57
C VAL B 37 2.18 -0.31 6.41
N CYS B 38 1.82 0.96 6.51
CA CYS B 38 1.06 1.57 5.43
C CYS B 38 1.39 3.05 5.32
N GLY B 39 1.88 3.46 4.15
CA GLY B 39 2.24 4.85 3.94
C GLY B 39 1.08 5.81 4.20
N THR B 40 -0.13 5.36 3.88
CA THR B 40 -1.31 6.18 4.09
C THR B 40 -1.55 6.38 5.59
N HIS B 41 -1.20 5.36 6.38
CA HIS B 41 -1.35 5.48 7.83
C HIS B 41 -0.36 6.50 8.37
N GLU B 42 0.87 6.44 7.86
CA GLU B 42 1.91 7.37 8.28
C GLU B 42 1.52 8.79 7.89
N ASP B 43 0.86 8.91 6.73
CA ASP B 43 0.43 10.21 6.29
C ASP B 43 -0.61 10.75 7.27
N THR B 44 -1.58 9.92 7.63
CA THR B 44 -2.61 10.33 8.58
C THR B 44 -1.96 10.73 9.89
N VAL B 45 -1.09 9.86 10.40
CA VAL B 45 -0.40 10.09 11.66
C VAL B 45 0.40 11.40 11.73
N THR B 46 1.31 11.60 10.78
CA THR B 46 2.12 12.81 10.75
C THR B 46 1.32 14.08 10.46
N ARG B 47 0.41 14.01 9.49
CA ARG B 47 -0.40 15.17 9.13
C ARG B 47 -1.26 15.71 10.28
N HIS B 48 -1.67 14.84 11.21
CA HIS B 48 -2.52 15.27 12.31
C HIS B 48 -1.73 15.31 13.62
N GLY B 49 -0.41 15.27 13.51
CA GLY B 49 0.43 15.33 14.70
C GLY B 49 0.12 14.32 15.79
N ILE B 50 -0.39 13.16 15.40
CA ILE B 50 -0.74 12.12 16.36
C ILE B 50 0.40 11.67 17.27
N ARG B 51 1.64 11.65 16.78
CA ARG B 51 2.73 11.23 17.65
C ARG B 51 2.90 12.19 18.83
N SER B 52 2.56 13.46 18.60
CA SER B 52 2.68 14.49 19.63
C SER B 52 1.59 14.33 20.68
N LEU B 53 0.37 14.07 20.21
CA LEU B 53 -0.76 13.89 21.08
C LEU B 53 -0.63 12.67 21.98
N LEU B 54 0.25 11.74 21.62
CA LEU B 54 0.39 10.52 22.42
C LEU B 54 1.30 10.58 23.64
N PRO B 55 0.97 9.79 24.66
CA PRO B 55 1.71 9.68 25.91
C PRO B 55 3.16 9.30 25.59
N GLU B 56 4.07 9.55 26.51
CA GLU B 56 5.48 9.22 26.28
C GLU B 56 5.71 7.73 26.12
N ASN B 57 4.92 6.93 26.83
CA ASN B 57 5.05 5.49 26.80
C ASN B 57 4.29 4.78 25.67
N VAL B 58 3.87 5.54 24.67
CA VAL B 58 3.15 4.97 23.53
C VAL B 58 3.79 5.46 22.25
N LYS B 59 4.49 4.57 21.55
CA LYS B 59 5.19 4.92 20.32
C LYS B 59 4.59 4.26 19.07
N VAL B 60 4.50 5.04 18.00
CA VAL B 60 4.01 4.55 16.73
C VAL B 60 5.20 4.42 15.76
N VAL B 61 5.53 3.19 15.44
CA VAL B 61 6.63 2.84 14.55
C VAL B 61 6.12 2.72 13.10
N SER B 62 6.88 3.25 12.15
CA SER B 62 6.51 3.18 10.74
C SER B 62 7.27 2.04 10.04
N GLY B 63 6.52 1.03 9.60
N GLY B 63 6.53 1.02 9.60
CA GLY B 63 7.13 -0.10 8.92
CA GLY B 63 7.15 -0.11 8.93
C GLY B 63 7.40 0.14 7.44
C GLY B 63 7.39 0.14 7.45
N PRO B 64 7.65 -0.91 6.66
N PRO B 64 7.63 -0.91 6.69
CA PRO B 64 7.93 -0.80 5.23
CA PRO B 64 7.90 -0.78 5.25
C PRO B 64 6.72 -0.69 4.31
C PRO B 64 6.64 -0.50 4.44
N GLY B 65 5.72 0.10 4.75
N GLY B 65 6.01 0.63 4.69
CA GLY B 65 4.52 0.29 3.95
CA GLY B 65 4.75 1.00 4.08
C GLY B 65 4.67 1.28 2.82
C GLY B 65 4.68 1.43 2.63
N CYS B 66 5.64 1.02 1.95
N CYS B 66 5.79 1.51 1.91
CA CYS B 66 5.90 1.87 0.78
CA CYS B 66 5.71 1.83 0.49
C CYS B 66 6.45 1.00 -0.34
C CYS B 66 6.37 0.81 -0.41
N PRO B 67 5.57 0.40 -1.15
N PRO B 67 5.60 0.34 -1.38
CA PRO B 67 5.93 -0.48 -2.27
CA PRO B 67 6.08 -0.67 -2.33
C PRO B 67 6.98 0.04 -3.26
C PRO B 67 7.03 -0.07 -3.35
N VAL B 68 6.96 1.33 -3.57
N VAL B 68 7.05 1.24 -3.46
CA VAL B 68 7.94 1.89 -4.48
CA VAL B 68 7.94 1.92 -4.39
C VAL B 68 9.32 1.92 -3.81
C VAL B 68 9.33 2.06 -3.77
N CYS B 69 9.36 2.42 -2.57
N CYS B 69 9.38 2.35 -2.48
CA CYS B 69 10.61 2.51 -1.81
CA CYS B 69 10.65 2.49 -1.78
C CYS B 69 11.38 1.19 -1.83
C CYS B 69 11.41 1.18 -1.79
N ILE B 70 10.67 0.08 -1.62
CA ILE B 70 11.30 -1.23 -1.57
C ILE B 70 11.53 -1.95 -2.89
N THR B 71 11.15 -1.31 -4.00
CA THR B 71 11.39 -1.93 -5.29
C THR B 71 12.89 -1.98 -5.48
N PRO B 72 13.44 -3.16 -5.75
CA PRO B 72 14.89 -3.27 -5.93
C PRO B 72 15.51 -2.51 -7.10
N VAL B 73 16.73 -2.01 -6.87
CA VAL B 73 17.47 -1.28 -7.88
C VAL B 73 17.67 -2.13 -9.14
N GLU B 74 18.00 -3.41 -8.95
CA GLU B 74 18.24 -4.34 -10.04
C GLU B 74 17.09 -4.33 -11.04
N ASP B 75 15.87 -4.34 -10.51
CA ASP B 75 14.70 -4.35 -11.37
C ASP B 75 14.51 -3.03 -12.12
N ILE B 76 14.77 -1.91 -11.46
CA ILE B 76 14.63 -0.62 -12.13
C ILE B 76 15.67 -0.49 -13.25
N VAL B 77 16.91 -0.84 -12.95
CA VAL B 77 17.96 -0.76 -13.95
C VAL B 77 17.64 -1.75 -15.08
N ALA B 78 17.18 -2.93 -14.70
CA ALA B 78 16.85 -3.96 -15.69
C ALA B 78 15.82 -3.45 -16.67
N MET B 79 14.80 -2.76 -16.17
CA MET B 79 13.76 -2.23 -17.04
C MET B 79 14.38 -1.22 -17.99
N GLN B 80 15.37 -0.47 -17.51
CA GLN B 80 16.04 0.51 -18.32
C GLN B 80 16.83 -0.20 -19.45
N LEU B 81 17.59 -1.23 -19.10
CA LEU B 81 18.37 -1.95 -20.10
C LEU B 81 17.45 -2.57 -21.14
N ILE B 82 16.30 -3.07 -20.71
CA ILE B 82 15.35 -3.68 -21.64
C ILE B 82 14.87 -2.63 -22.62
N MET B 83 14.67 -1.41 -22.15
CA MET B 83 14.23 -0.34 -23.03
C MET B 83 15.27 -0.08 -24.10
N ARG B 84 16.54 -0.08 -23.70
CA ARG B 84 17.62 0.17 -24.63
C ARG B 84 17.75 -0.98 -25.62
N LYS B 85 17.80 -2.20 -25.11
CA LYS B 85 17.94 -3.37 -25.97
C LYS B 85 16.78 -3.47 -26.96
N ALA B 86 15.58 -3.12 -26.51
CA ALA B 86 14.41 -3.19 -27.38
C ALA B 86 14.63 -2.29 -28.59
N ARG B 87 14.93 -1.03 -28.33
CA ARG B 87 15.17 -0.04 -29.39
C ARG B 87 16.26 -0.51 -30.35
N GLU B 88 17.37 -0.97 -29.79
CA GLU B 88 18.47 -1.46 -30.60
C GLU B 88 17.98 -2.55 -31.54
N GLU B 89 17.09 -3.40 -31.05
CA GLU B 89 16.54 -4.49 -31.84
C GLU B 89 15.34 -4.08 -32.67
N GLY B 90 15.13 -2.78 -32.84
CA GLY B 90 14.01 -2.32 -33.65
C GLY B 90 12.64 -2.28 -33.01
N GLU B 91 12.44 -3.02 -31.91
CA GLU B 91 11.13 -2.99 -31.26
C GLU B 91 11.02 -1.75 -30.37
N GLU B 92 10.02 -0.91 -30.64
CA GLU B 92 9.81 0.31 -29.85
C GLU B 92 8.82 0.00 -28.72
N ILE B 93 9.14 0.45 -27.51
CA ILE B 93 8.30 0.20 -26.34
C ILE B 93 7.76 1.45 -25.64
N ILE B 94 6.50 1.40 -25.23
CA ILE B 94 5.96 2.51 -24.46
C ILE B 94 5.98 2.00 -23.01
N LEU B 95 6.67 2.72 -22.12
CA LEU B 95 6.79 2.33 -20.72
C LEU B 95 5.92 3.18 -19.81
N THR B 96 5.08 2.53 -19.02
CA THR B 96 4.24 3.28 -18.07
C THR B 96 4.74 3.04 -16.65
N THR B 97 4.57 4.03 -15.80
CA THR B 97 5.04 3.96 -14.42
C THR B 97 4.28 4.98 -13.57
N PHE B 98 4.25 4.75 -12.27
CA PHE B 98 3.58 5.68 -11.39
C PHE B 98 4.47 6.91 -11.30
N GLY B 99 3.88 8.04 -10.91
CA GLY B 99 4.62 9.29 -10.82
C GLY B 99 5.85 9.27 -9.95
N ASP B 100 5.76 8.71 -8.74
CA ASP B 100 6.93 8.68 -7.88
C ASP B 100 8.00 7.69 -8.36
N MET B 101 7.59 6.52 -8.83
CA MET B 101 8.57 5.55 -9.32
C MET B 101 9.39 6.17 -10.46
N TYR B 102 8.77 7.09 -11.18
CA TYR B 102 9.39 7.77 -12.32
C TYR B 102 10.71 8.45 -11.96
N LYS B 103 10.74 9.04 -10.78
CA LYS B 103 11.91 9.76 -10.28
C LYS B 103 12.75 8.93 -9.29
N ILE B 104 12.47 7.64 -9.15
CA ILE B 104 13.25 6.84 -8.22
C ILE B 104 14.68 6.67 -8.69
N PRO B 105 15.64 7.08 -7.85
CA PRO B 105 17.06 6.98 -8.18
C PRO B 105 17.68 5.60 -8.09
N THR B 106 18.70 5.38 -8.91
CA THR B 106 19.47 4.14 -8.90
C THR B 106 20.87 4.62 -9.30
N PRO B 107 21.91 3.86 -8.93
CA PRO B 107 23.25 4.31 -9.30
C PRO B 107 23.52 4.52 -10.80
N MET B 108 22.56 4.16 -11.65
CA MET B 108 22.73 4.34 -13.10
C MET B 108 21.64 5.17 -13.76
N GLY B 109 20.88 5.91 -12.96
CA GLY B 109 19.83 6.73 -13.53
C GLY B 109 18.42 6.27 -13.20
N SER B 110 17.47 7.16 -13.43
CA SER B 110 16.07 6.89 -13.16
C SER B 110 15.29 6.75 -14.46
N PHE B 111 14.00 6.48 -14.35
CA PHE B 111 13.14 6.37 -15.52
C PHE B 111 12.99 7.76 -16.13
N ALA B 112 13.15 8.80 -15.32
CA ALA B 112 13.05 10.15 -15.82
C ALA B 112 14.29 10.42 -16.72
N ASP B 113 15.42 9.82 -16.36
CA ASP B 113 16.63 9.97 -17.17
C ASP B 113 16.43 9.24 -18.49
N LEU B 114 15.72 8.11 -18.42
CA LEU B 114 15.45 7.29 -19.60
C LEU B 114 14.61 8.10 -20.59
N LYS B 115 13.71 8.89 -20.02
CA LYS B 115 12.82 9.75 -20.80
C LYS B 115 13.68 10.78 -21.53
N SER B 116 14.47 11.54 -20.76
CA SER B 116 15.33 12.58 -21.31
C SER B 116 16.29 12.08 -22.38
N GLU B 117 16.50 10.77 -22.45
CA GLU B 117 17.37 10.19 -23.47
C GLU B 117 16.56 9.81 -24.71
N GLY B 118 15.31 10.25 -24.75
CA GLY B 118 14.46 9.97 -25.89
C GLY B 118 13.53 8.76 -25.85
N PHE B 119 13.29 8.17 -24.68
CA PHE B 119 12.38 7.03 -24.65
C PHE B 119 10.98 7.47 -24.25
N ASP B 120 9.98 6.74 -24.75
CA ASP B 120 8.59 7.04 -24.46
C ASP B 120 8.25 6.51 -23.06
N VAL B 121 8.32 7.39 -22.06
CA VAL B 121 8.02 6.97 -20.71
C VAL B 121 6.84 7.82 -20.25
N ARG B 122 5.73 7.16 -19.95
CA ARG B 122 4.55 7.88 -19.53
C ARG B 122 4.15 7.57 -18.11
N ILE B 123 3.74 8.61 -17.42
CA ILE B 123 3.30 8.51 -16.05
C ILE B 123 1.81 8.18 -16.05
N VAL B 124 1.43 7.11 -15.33
CA VAL B 124 0.03 6.70 -15.25
C VAL B 124 -0.44 6.61 -13.80
N TYR B 125 -1.75 6.55 -13.60
CA TYR B 125 -2.29 6.47 -12.25
C TYR B 125 -2.74 5.07 -11.91
N GLY B 126 -2.82 4.22 -12.93
CA GLY B 126 -3.26 2.85 -12.72
C GLY B 126 -3.05 2.00 -13.95
N ILE B 127 -3.05 0.69 -13.75
CA ILE B 127 -2.84 -0.28 -14.82
C ILE B 127 -3.87 -0.17 -15.96
N PHE B 128 -5.05 0.38 -15.68
CA PHE B 128 -6.05 0.52 -16.74
C PHE B 128 -5.59 1.56 -17.75
N ASP B 129 -4.75 2.49 -17.31
CA ASP B 129 -4.21 3.51 -18.20
C ASP B 129 -3.27 2.82 -19.18
N THR B 130 -2.45 1.91 -18.65
CA THR B 130 -1.51 1.19 -19.48
C THR B 130 -2.28 0.43 -20.56
N TYR B 131 -3.38 -0.19 -20.13
CA TYR B 131 -4.25 -0.98 -21.00
C TYR B 131 -4.76 -0.17 -22.19
N ARG B 132 -5.36 0.99 -21.93
CA ARG B 132 -5.87 1.83 -23.01
C ARG B 132 -4.72 2.18 -23.96
N ILE B 133 -3.59 2.54 -23.40
CA ILE B 133 -2.41 2.89 -24.18
C ILE B 133 -2.05 1.73 -25.09
N ALA B 134 -2.16 0.51 -24.58
CA ALA B 134 -1.83 -0.67 -25.39
C ALA B 134 -2.82 -0.74 -26.56
N LYS B 135 -4.08 -0.46 -26.25
CA LYS B 135 -5.14 -0.47 -27.25
C LYS B 135 -4.86 0.54 -28.34
N GLU B 136 -4.62 1.78 -27.95
CA GLU B 136 -4.35 2.87 -28.88
C GLU B 136 -3.01 2.77 -29.63
N ASN B 137 -2.18 1.78 -29.31
CA ASN B 137 -0.90 1.67 -30.00
C ASN B 137 -0.53 0.23 -30.28
N PRO B 138 -1.34 -0.46 -31.11
CA PRO B 138 -1.11 -1.86 -31.47
C PRO B 138 0.27 -2.10 -32.07
N ASP B 139 0.81 -1.07 -32.71
CA ASP B 139 2.11 -1.14 -33.34
C ASP B 139 3.27 -1.08 -32.34
N LYS B 140 2.96 -0.85 -31.07
CA LYS B 140 3.99 -0.78 -30.04
C LYS B 140 3.73 -1.70 -28.86
N THR B 141 4.82 -2.15 -28.22
CA THR B 141 4.74 -3.01 -27.05
C THR B 141 4.62 -2.05 -25.88
N VAL B 142 3.50 -2.15 -25.15
CA VAL B 142 3.28 -1.27 -24.01
C VAL B 142 3.49 -2.04 -22.71
N VAL B 143 4.45 -1.60 -21.90
CA VAL B 143 4.73 -2.27 -20.64
C VAL B 143 4.68 -1.35 -19.43
N HIS B 144 4.05 -1.85 -18.38
CA HIS B 144 3.93 -1.10 -17.15
C HIS B 144 4.86 -1.69 -16.11
N PHE B 145 5.77 -0.89 -15.59
CA PHE B 145 6.67 -1.34 -14.55
C PHE B 145 5.72 -1.43 -13.37
N SER B 146 5.37 -2.66 -12.99
CA SER B 146 4.39 -2.87 -11.92
C SER B 146 4.87 -3.23 -10.53
N PRO B 147 4.89 -2.24 -9.65
CA PRO B 147 5.26 -2.44 -8.25
C PRO B 147 3.97 -2.41 -7.45
N GLY B 148 4.02 -2.65 -6.15
CA GLY B 148 2.79 -2.63 -5.37
C GLY B 148 2.47 -3.81 -4.47
N PHE B 149 1.75 -3.52 -3.39
CA PHE B 149 1.32 -4.56 -2.47
C PHE B 149 0.00 -5.17 -2.98
N GLU B 150 -0.67 -5.91 -2.12
CA GLU B 150 -1.90 -6.56 -2.54
C GLU B 150 -2.95 -5.65 -3.20
N THR B 151 -3.10 -4.43 -2.69
CA THR B 151 -4.09 -3.48 -3.21
C THR B 151 -3.83 -3.05 -4.64
N THR B 152 -2.58 -3.09 -5.06
CA THR B 152 -2.25 -2.67 -6.40
C THR B 152 -2.11 -3.87 -7.31
N THR B 153 -1.78 -5.00 -6.71
CA THR B 153 -1.64 -6.25 -7.46
C THR B 153 -3.00 -6.73 -7.96
N ALA B 154 -4.05 -6.51 -7.16
CA ALA B 154 -5.40 -6.95 -7.55
C ALA B 154 -5.83 -6.27 -8.87
N PRO B 155 -5.70 -4.94 -8.96
CA PRO B 155 -6.11 -4.36 -10.25
C PRO B 155 -5.23 -4.84 -11.40
N ALA B 156 -3.97 -5.13 -11.14
CA ALA B 156 -3.09 -5.65 -12.18
C ALA B 156 -3.64 -7.00 -12.62
N ALA B 157 -4.02 -7.83 -11.64
CA ALA B 157 -4.56 -9.16 -11.94
C ALA B 157 -5.83 -9.02 -12.76
N GLY B 158 -6.73 -8.16 -12.31
CA GLY B 158 -7.95 -7.98 -13.05
C GLY B 158 -7.67 -7.59 -14.51
N MET B 159 -6.79 -6.62 -14.73
CA MET B 159 -6.49 -6.15 -16.08
C MET B 159 -5.83 -7.27 -16.91
N LEU B 160 -4.99 -8.09 -16.28
CA LEU B 160 -4.37 -9.18 -17.01
C LEU B 160 -5.47 -10.14 -17.46
N ASN B 161 -6.48 -10.32 -16.60
CA ASN B 161 -7.57 -11.21 -16.92
C ASN B 161 -8.28 -10.71 -18.17
N VAL B 162 -8.55 -9.42 -18.23
CA VAL B 162 -9.22 -8.85 -19.39
C VAL B 162 -8.35 -8.96 -20.64
N ALA B 163 -7.04 -8.75 -20.48
CA ALA B 163 -6.15 -8.83 -21.63
C ALA B 163 -6.07 -10.24 -22.18
N ALA B 164 -6.00 -11.22 -21.30
CA ALA B 164 -5.92 -12.60 -21.72
C ALA B 164 -7.19 -13.02 -22.48
N GLN B 165 -8.35 -12.48 -22.10
CA GLN B 165 -9.60 -12.81 -22.77
C GLN B 165 -9.62 -12.26 -24.19
N GLU B 166 -9.26 -10.98 -24.31
CA GLU B 166 -9.22 -10.32 -25.61
C GLU B 166 -7.96 -10.72 -26.36
N GLU B 167 -7.08 -11.41 -25.66
CA GLU B 167 -5.82 -11.84 -26.27
C GLU B 167 -4.93 -10.68 -26.71
N LEU B 168 -4.97 -9.58 -25.95
CA LEU B 168 -4.13 -8.40 -26.23
C LEU B 168 -2.69 -8.89 -26.14
N GLU B 169 -1.88 -8.57 -27.15
CA GLU B 169 -0.51 -9.07 -27.13
C GLU B 169 0.59 -8.03 -26.97
N ASN B 170 0.23 -6.76 -26.92
CA ASN B 170 1.21 -5.69 -26.77
C ASN B 170 1.06 -5.06 -25.38
N PHE B 171 0.51 -5.85 -24.44
CA PHE B 171 0.28 -5.40 -23.07
C PHE B 171 1.04 -6.26 -22.05
N LYS B 172 2.19 -5.78 -21.60
CA LYS B 172 3.04 -6.49 -20.65
C LYS B 172 3.26 -5.72 -19.34
N ILE B 173 3.91 -6.37 -18.39
CA ILE B 173 4.24 -5.73 -17.14
C ILE B 173 5.55 -6.29 -16.63
N TYR B 174 6.26 -5.48 -15.86
CA TYR B 174 7.49 -5.92 -15.24
C TYR B 174 7.04 -6.08 -13.81
N SER B 175 6.81 -7.32 -13.41
CA SER B 175 6.32 -7.59 -12.07
C SER B 175 7.30 -7.47 -10.92
N VAL B 176 7.02 -6.52 -10.03
CA VAL B 176 7.82 -6.33 -8.82
C VAL B 176 6.84 -6.17 -7.66
N HIS B 177 5.74 -6.91 -7.77
CA HIS B 177 4.71 -6.91 -6.75
C HIS B 177 5.23 -7.60 -5.48
N ARG B 178 4.73 -7.16 -4.34
CA ARG B 178 5.16 -7.70 -3.06
C ARG B 178 4.01 -8.02 -2.10
N LEU B 179 4.26 -8.91 -1.15
CA LEU B 179 3.25 -9.29 -0.16
C LEU B 179 3.63 -8.59 1.17
N THR B 180 2.64 -8.13 1.92
CA THR B 180 2.89 -7.41 3.17
C THR B 180 3.10 -8.24 4.44
N PRO B 181 2.22 -9.23 4.71
CA PRO B 181 2.38 -10.04 5.92
C PRO B 181 3.78 -10.67 6.05
N PRO B 182 4.28 -11.32 4.99
CA PRO B 182 5.62 -11.92 5.09
C PRO B 182 6.68 -10.91 5.55
N ALA B 183 6.50 -9.64 5.18
CA ALA B 183 7.47 -8.62 5.59
C ALA B 183 7.33 -8.31 7.06
N VAL B 184 6.10 -8.35 7.57
CA VAL B 184 5.88 -8.10 9.01
C VAL B 184 6.54 -9.23 9.80
N GLU B 185 6.38 -10.46 9.32
CA GLU B 185 6.96 -11.61 9.97
C GLU B 185 8.48 -11.46 10.05
N VAL B 186 9.10 -11.12 8.93
CA VAL B 186 10.55 -10.94 8.90
C VAL B 186 11.03 -9.83 9.84
N LEU B 187 10.34 -8.71 9.85
CA LEU B 187 10.74 -7.60 10.71
C LEU B 187 10.68 -8.03 12.16
N LEU B 188 9.67 -8.83 12.47
CA LEU B 188 9.47 -9.36 13.80
C LEU B 188 10.69 -10.22 14.19
N LYS B 189 11.09 -11.09 13.28
CA LYS B 189 12.23 -11.97 13.52
C LYS B 189 13.60 -11.31 13.44
N GLN B 190 13.72 -10.22 12.69
CA GLN B 190 15.03 -9.56 12.57
C GLN B 190 15.30 -8.45 13.56
N GLY B 191 14.46 -8.30 14.58
CA GLY B 191 14.77 -7.27 15.56
C GLY B 191 13.88 -6.07 15.75
N THR B 192 12.98 -5.77 14.81
CA THR B 192 12.11 -4.62 15.01
C THR B 192 11.19 -5.02 16.15
N VAL B 193 11.15 -4.23 17.23
CA VAL B 193 10.30 -4.58 18.36
C VAL B 193 9.00 -3.81 18.41
N PHE B 194 7.90 -4.54 18.39
CA PHE B 194 6.59 -3.93 18.52
C PHE B 194 5.69 -4.90 19.27
N GLN B 195 4.81 -4.36 20.11
CA GLN B 195 3.90 -5.19 20.90
C GLN B 195 2.52 -5.29 20.28
N GLY B 196 2.28 -4.50 19.23
CA GLY B 196 1.01 -4.52 18.56
C GLY B 196 1.15 -4.04 17.13
N LEU B 197 0.27 -4.50 16.26
CA LEU B 197 0.33 -4.11 14.86
C LEU B 197 -0.95 -3.45 14.38
N ILE B 198 -0.81 -2.39 13.59
CA ILE B 198 -1.97 -1.74 12.99
C ILE B 198 -1.88 -2.29 11.58
N ALA B 199 -2.69 -3.29 11.27
CA ALA B 199 -2.65 -3.90 9.95
C ALA B 199 -3.17 -2.93 8.90
N PRO B 200 -2.53 -2.89 7.72
CA PRO B 200 -2.95 -1.98 6.63
C PRO B 200 -4.39 -2.17 6.16
N GLY B 201 -5.17 -1.10 6.27
CA GLY B 201 -6.57 -1.14 5.89
C GLY B 201 -6.89 -1.56 4.46
N HIS B 202 -6.24 -0.93 3.49
CA HIS B 202 -6.54 -1.27 2.10
C HIS B 202 -6.05 -2.63 1.66
N VAL B 203 -4.90 -3.03 2.16
CA VAL B 203 -4.38 -4.34 1.86
C VAL B 203 -5.37 -5.37 2.43
N SER B 204 -5.92 -5.07 3.60
CA SER B 204 -6.87 -5.96 4.27
C SER B 204 -8.18 -6.08 3.50
N THR B 205 -8.51 -5.05 2.73
CA THR B 205 -9.71 -5.08 1.91
C THR B 205 -9.54 -6.25 0.95
N ILE B 206 -8.33 -6.41 0.43
CA ILE B 206 -8.04 -7.49 -0.50
C ILE B 206 -7.91 -8.84 0.18
N ILE B 207 -6.95 -8.98 1.11
CA ILE B 207 -6.75 -10.28 1.77
C ILE B 207 -7.62 -10.59 3.01
N GLY B 208 -8.42 -9.62 3.44
CA GLY B 208 -9.29 -9.84 4.58
C GLY B 208 -8.59 -9.98 5.92
N VAL B 209 -9.36 -10.08 7.00
CA VAL B 209 -8.79 -10.27 8.33
C VAL B 209 -8.07 -11.62 8.32
N LYS B 210 -8.63 -12.56 7.55
CA LYS B 210 -8.08 -13.90 7.41
C LYS B 210 -6.60 -13.87 6.99
N GLY B 211 -6.25 -12.94 6.13
CA GLY B 211 -4.86 -12.87 5.67
C GLY B 211 -3.86 -12.50 6.74
N TRP B 212 -4.31 -11.90 7.84
CA TRP B 212 -3.40 -11.49 8.90
C TRP B 212 -3.39 -12.39 10.14
N GLU B 213 -4.41 -13.21 10.29
CA GLU B 213 -4.54 -14.09 11.44
C GLU B 213 -3.35 -14.98 11.83
N TYR B 214 -2.63 -15.52 10.86
CA TYR B 214 -1.49 -16.37 11.19
C TYR B 214 -0.43 -15.68 12.03
N LEU B 215 -0.25 -14.37 11.83
CA LEU B 215 0.74 -13.65 12.62
C LEU B 215 0.37 -13.66 14.10
N THR B 216 -0.92 -13.57 14.42
CA THR B 216 -1.35 -13.59 15.80
C THR B 216 -1.26 -15.02 16.37
N GLU B 217 -1.65 -16.00 15.58
CA GLU B 217 -1.61 -17.40 16.01
C GLU B 217 -0.19 -17.90 16.17
N LYS B 218 0.73 -17.37 15.37
CA LYS B 218 2.11 -17.81 15.42
C LYS B 218 3.02 -16.99 16.31
N TYR B 219 2.73 -15.70 16.46
CA TYR B 219 3.60 -14.87 17.27
C TYR B 219 2.93 -14.24 18.48
N GLY B 220 1.65 -14.51 18.63
CA GLY B 220 0.92 -13.98 19.78
C GLY B 220 0.86 -12.47 19.86
N ILE B 221 0.93 -11.78 18.73
CA ILE B 221 0.88 -10.33 18.75
C ILE B 221 -0.51 -9.82 18.39
N PRO B 222 -1.05 -8.89 19.19
CA PRO B 222 -2.38 -8.33 18.93
C PRO B 222 -2.38 -7.39 17.72
N GLN B 223 -3.44 -7.48 16.91
CA GLN B 223 -3.55 -6.66 15.71
C GLN B 223 -4.89 -5.98 15.59
N VAL B 224 -4.89 -4.85 14.89
CA VAL B 224 -6.10 -4.13 14.60
C VAL B 224 -6.04 -3.71 13.13
N VAL B 225 -7.01 -4.19 12.35
CA VAL B 225 -7.10 -3.82 10.94
C VAL B 225 -7.75 -2.42 10.99
N ALA B 226 -7.02 -1.41 10.50
CA ALA B 226 -7.53 -0.04 10.58
C ALA B 226 -7.71 0.76 9.32
N GLY B 227 -8.71 1.62 9.33
CA GLY B 227 -9.01 2.51 8.22
C GLY B 227 -7.97 3.61 8.17
N PHE B 228 -8.23 4.66 7.40
CA PHE B 228 -7.26 5.73 7.28
C PHE B 228 -7.63 7.13 7.79
N GLU B 229 -8.75 7.23 8.49
CA GLU B 229 -9.15 8.52 9.05
C GLU B 229 -8.39 8.61 10.35
N PRO B 230 -8.13 9.81 10.85
CA PRO B 230 -7.40 9.86 12.12
C PRO B 230 -8.10 9.12 13.25
N ASN B 231 -9.43 9.11 13.25
CA ASN B 231 -10.13 8.40 14.31
C ASN B 231 -9.94 6.88 14.18
N ASP B 232 -9.79 6.40 12.94
CA ASP B 232 -9.56 4.98 12.71
C ASP B 232 -8.26 4.60 13.39
N VAL B 233 -7.22 5.40 13.16
CA VAL B 233 -5.92 5.13 13.76
C VAL B 233 -5.96 5.30 15.27
N LEU B 234 -6.56 6.39 15.74
CA LEU B 234 -6.65 6.63 17.18
C LEU B 234 -7.38 5.45 17.84
N MET B 235 -8.47 4.99 17.23
CA MET B 235 -9.21 3.86 17.75
C MET B 235 -8.35 2.61 17.81
N ALA B 236 -7.58 2.38 16.75
CA ALA B 236 -6.70 1.22 16.68
C ALA B 236 -5.66 1.30 17.80
N ILE B 237 -5.10 2.48 18.02
CA ILE B 237 -4.10 2.63 19.06
C ILE B 237 -4.75 2.34 20.42
N LEU B 238 -5.94 2.88 20.64
CA LEU B 238 -6.64 2.63 21.90
C LEU B 238 -6.87 1.15 22.13
N MET B 239 -7.38 0.47 21.10
CA MET B 239 -7.66 -0.96 21.21
C MET B 239 -6.40 -1.80 21.44
N LEU B 240 -5.28 -1.46 20.77
CA LEU B 240 -4.05 -2.21 20.97
C LEU B 240 -3.54 -2.08 22.41
N ILE B 241 -3.72 -0.89 22.99
CA ILE B 241 -3.29 -0.68 24.35
C ILE B 241 -4.09 -1.55 25.29
N ARG B 242 -5.42 -1.54 25.15
CA ARG B 242 -6.22 -2.39 26.03
C ARG B 242 -5.89 -3.87 25.88
N MET B 243 -5.77 -4.34 24.65
CA MET B 243 -5.42 -5.75 24.46
C MET B 243 -4.07 -6.05 25.10
N TYR B 244 -3.12 -5.13 24.94
CA TYR B 244 -1.79 -5.32 25.52
C TYR B 244 -1.89 -5.40 27.04
N LYS B 245 -2.66 -4.48 27.63
CA LYS B 245 -2.83 -4.48 29.08
C LYS B 245 -3.60 -5.69 29.60
N GLU B 246 -4.58 -6.18 28.83
CA GLU B 246 -5.36 -7.34 29.25
C GLU B 246 -4.71 -8.66 28.81
N GLY B 247 -3.50 -8.56 28.25
CA GLY B 247 -2.80 -9.76 27.82
C GLY B 247 -3.53 -10.56 26.75
N GLU B 248 -4.28 -9.87 25.91
CA GLU B 248 -5.02 -10.57 24.85
C GLU B 248 -4.21 -10.62 23.56
N ALA B 249 -4.42 -11.68 22.80
CA ALA B 249 -3.72 -11.85 21.55
C ALA B 249 -4.76 -12.20 20.50
N ARG B 250 -5.34 -11.18 19.89
CA ARG B 250 -6.34 -11.38 18.85
C ARG B 250 -6.29 -10.26 17.83
N ILE B 251 -7.08 -10.39 16.77
CA ILE B 251 -7.14 -9.41 15.71
C ILE B 251 -8.51 -8.75 15.76
N ILE B 252 -8.54 -7.42 15.82
CA ILE B 252 -9.81 -6.71 15.84
C ILE B 252 -9.93 -5.98 14.53
N ASN B 253 -11.09 -6.09 13.89
CA ASN B 253 -11.34 -5.43 12.62
C ASN B 253 -12.05 -4.09 12.82
N GLU B 254 -11.26 -3.07 13.15
CA GLU B 254 -11.77 -1.73 13.35
C GLU B 254 -12.30 -1.15 12.04
N TYR B 255 -11.82 -1.69 10.93
CA TYR B 255 -12.19 -1.20 9.61
C TYR B 255 -13.28 -2.09 8.99
N GLU B 256 -14.09 -2.67 9.87
CA GLU B 256 -15.19 -3.55 9.52
C GLU B 256 -16.02 -3.03 8.33
N ARG B 257 -16.24 -1.72 8.30
CA ARG B 257 -17.04 -1.12 7.24
C ARG B 257 -16.49 -1.30 5.83
N ALA B 258 -15.21 -1.63 5.72
CA ALA B 258 -14.60 -1.79 4.40
C ALA B 258 -13.91 -3.13 4.23
N VAL B 259 -13.66 -3.81 5.33
CA VAL B 259 -12.94 -5.08 5.28
C VAL B 259 -13.77 -6.27 5.70
N LYS B 260 -13.91 -7.23 4.80
CA LYS B 260 -14.65 -8.44 5.14
C LYS B 260 -13.63 -9.39 5.76
N TYR B 261 -14.08 -10.27 6.64
CA TYR B 261 -13.17 -11.23 7.24
C TYR B 261 -12.47 -12.06 6.17
N GLU B 262 -13.23 -12.49 5.17
N GLU B 262 -13.23 -12.51 5.19
CA GLU B 262 -12.69 -13.30 4.08
CA GLU B 262 -12.68 -13.31 4.10
C GLU B 262 -11.92 -12.47 3.06
C GLU B 262 -11.95 -12.47 3.05
N GLY B 263 -12.14 -11.16 3.09
CA GLY B 263 -11.48 -10.30 2.13
C GLY B 263 -12.22 -10.30 0.80
N ASN B 264 -11.57 -9.83 -0.25
CA ASN B 264 -12.19 -9.78 -1.57
C ASN B 264 -11.80 -11.06 -2.32
N VAL B 265 -12.73 -12.01 -2.36
CA VAL B 265 -12.46 -13.28 -3.00
C VAL B 265 -12.25 -13.17 -4.50
N VAL B 266 -13.05 -12.35 -5.16
CA VAL B 266 -12.88 -12.15 -6.59
C VAL B 266 -11.43 -11.72 -6.85
N ALA B 267 -10.96 -10.72 -6.12
CA ALA B 267 -9.60 -10.21 -6.27
C ALA B 267 -8.58 -11.28 -5.97
N GLN B 268 -8.80 -12.00 -4.87
CA GLN B 268 -7.87 -13.06 -4.46
C GLN B 268 -7.66 -14.13 -5.54
N LYS B 269 -8.75 -14.55 -6.18
CA LYS B 269 -8.65 -15.59 -7.19
C LYS B 269 -7.96 -15.09 -8.43
N MET B 270 -8.20 -13.82 -8.75
CA MET B 270 -7.59 -13.23 -9.92
C MET B 270 -6.08 -13.18 -9.71
N ILE B 271 -5.65 -12.85 -8.49
CA ILE B 271 -4.24 -12.77 -8.19
C ILE B 271 -3.59 -14.13 -8.24
N ASP B 272 -4.27 -15.13 -7.66
CA ASP B 272 -3.74 -16.49 -7.63
C ASP B 272 -3.68 -17.11 -9.04
N LYS B 273 -4.59 -16.69 -9.90
CA LYS B 273 -4.61 -17.18 -11.26
C LYS B 273 -3.37 -16.79 -12.04
N PHE B 274 -2.97 -15.52 -11.99
CA PHE B 274 -1.79 -15.08 -12.75
C PHE B 274 -0.46 -15.04 -12.03
N PHE B 275 -0.46 -14.88 -10.71
CA PHE B 275 0.79 -14.80 -9.96
C PHE B 275 1.14 -15.97 -9.06
N GLU B 276 2.43 -16.09 -8.77
CA GLU B 276 2.94 -17.13 -7.91
C GLU B 276 3.95 -16.47 -6.95
N VAL B 277 3.95 -16.93 -5.71
CA VAL B 277 4.82 -16.41 -4.66
C VAL B 277 6.26 -16.89 -4.76
N VAL B 278 7.19 -15.96 -4.64
CA VAL B 278 8.62 -16.30 -4.71
C VAL B 278 9.42 -15.47 -3.71
N ASP B 279 10.65 -15.88 -3.44
CA ASP B 279 11.47 -15.11 -2.54
C ASP B 279 11.75 -13.83 -3.32
N ALA B 280 11.96 -12.72 -2.64
CA ALA B 280 12.20 -11.49 -3.37
C ALA B 280 13.00 -10.49 -2.57
N LYS B 281 13.63 -9.58 -3.30
CA LYS B 281 14.43 -8.55 -2.68
C LYS B 281 13.58 -7.36 -2.29
N TRP B 282 14.00 -6.69 -1.22
CA TRP B 282 13.33 -5.50 -0.71
C TRP B 282 14.47 -4.50 -0.59
N ARG B 283 14.49 -3.52 -1.48
CA ARG B 283 15.55 -2.53 -1.49
C ARG B 283 15.89 -2.05 -0.09
N ALA B 284 17.18 -2.11 0.23
CA ALA B 284 17.68 -1.66 1.53
C ALA B 284 17.31 -2.57 2.70
N LEU B 285 16.51 -3.60 2.47
CA LEU B 285 16.13 -4.48 3.57
C LEU B 285 16.71 -5.87 3.45
N GLY B 286 16.83 -6.36 2.23
CA GLY B 286 17.36 -7.70 2.01
C GLY B 286 16.38 -8.58 1.27
N VAL B 287 16.61 -9.89 1.30
CA VAL B 287 15.72 -10.81 0.62
C VAL B 287 14.75 -11.39 1.63
N PHE B 288 13.46 -11.23 1.38
CA PHE B 288 12.45 -11.75 2.28
C PHE B 288 11.86 -12.99 1.63
N PRO B 289 11.92 -14.14 2.33
CA PRO B 289 11.37 -15.34 1.73
C PRO B 289 9.88 -15.25 1.44
N LYS B 290 9.45 -15.89 0.34
CA LYS B 290 8.05 -15.91 -0.09
C LYS B 290 7.35 -14.56 0.13
N SER B 291 7.94 -13.51 -0.39
CA SER B 291 7.38 -12.18 -0.22
C SER B 291 7.10 -11.43 -1.53
N GLY B 292 7.37 -12.08 -2.65
CA GLY B 292 7.17 -11.42 -3.93
C GLY B 292 6.33 -12.22 -4.90
N LEU B 293 5.91 -11.54 -5.96
CA LEU B 293 5.06 -12.13 -6.99
C LEU B 293 5.65 -12.04 -8.40
N GLU B 294 5.58 -13.14 -9.13
CA GLU B 294 6.07 -13.20 -10.50
C GLU B 294 4.96 -13.90 -11.28
N LEU B 295 4.85 -13.64 -12.58
CA LEU B 295 3.84 -14.27 -13.39
C LEU B 295 4.13 -15.76 -13.53
N ARG B 296 3.09 -16.58 -13.43
CA ARG B 296 3.22 -18.04 -13.56
C ARG B 296 3.69 -18.39 -14.97
N LYS B 297 4.29 -19.57 -15.12
CA LYS B 297 4.77 -20.01 -16.43
C LYS B 297 3.67 -19.90 -17.47
N GLU B 298 2.48 -20.38 -17.13
CA GLU B 298 1.35 -20.34 -18.05
C GLU B 298 1.12 -18.94 -18.59
N TRP B 299 1.67 -17.93 -17.92
CA TRP B 299 1.48 -16.55 -18.35
C TRP B 299 2.76 -15.77 -18.64
N LYS B 300 3.88 -16.49 -18.79
CA LYS B 300 5.17 -15.88 -19.08
C LYS B 300 5.06 -14.77 -20.12
N ASP B 301 4.15 -14.94 -21.07
CA ASP B 301 3.97 -13.96 -22.16
C ASP B 301 3.52 -12.58 -21.74
N PHE B 302 3.09 -12.42 -20.50
CA PHE B 302 2.66 -11.12 -20.01
C PHE B 302 3.79 -10.38 -19.28
N GLU B 303 4.89 -11.07 -19.03
CA GLU B 303 6.05 -10.49 -18.36
C GLU B 303 7.08 -10.05 -19.40
N ILE B 304 7.38 -8.74 -19.45
CA ILE B 304 8.33 -8.22 -20.43
C ILE B 304 9.68 -8.92 -20.40
N ARG B 305 10.09 -9.42 -19.24
CA ARG B 305 11.38 -10.09 -19.14
C ARG B 305 11.40 -11.39 -19.94
N SER B 306 10.23 -11.90 -20.27
CA SER B 306 10.15 -13.12 -21.05
C SER B 306 10.67 -12.86 -22.47
N PHE B 307 10.69 -11.60 -22.88
CA PHE B 307 11.12 -11.24 -24.23
C PHE B 307 12.49 -10.59 -24.38
N TYR B 308 13.16 -10.29 -23.26
CA TYR B 308 14.47 -9.65 -23.36
C TYR B 308 15.39 -10.00 -22.21
N LYS B 309 16.51 -10.63 -22.53
CA LYS B 309 17.47 -10.98 -21.50
C LYS B 309 18.50 -9.88 -21.46
N VAL B 310 18.66 -9.25 -20.30
CA VAL B 310 19.64 -8.18 -20.12
C VAL B 310 20.41 -8.58 -18.87
N GLU B 311 21.63 -8.05 -18.71
CA GLU B 311 22.42 -8.37 -17.54
C GLU B 311 22.75 -7.09 -16.77
N VAL B 312 22.10 -6.91 -15.63
CA VAL B 312 22.31 -5.72 -14.81
C VAL B 312 23.68 -5.76 -14.16
N PRO B 313 24.44 -4.65 -14.26
CA PRO B 313 25.77 -4.63 -13.63
C PRO B 313 25.67 -5.11 -12.19
N LYS B 314 26.62 -5.92 -11.78
CA LYS B 314 26.60 -6.45 -10.42
C LYS B 314 27.08 -5.41 -9.41
N ASN B 315 26.71 -5.62 -8.15
CA ASN B 315 27.11 -4.73 -7.05
C ASN B 315 26.60 -3.30 -7.04
N LEU B 316 25.39 -3.06 -7.53
CA LEU B 316 24.84 -1.71 -7.48
C LEU B 316 24.33 -1.53 -6.04
N PRO B 317 24.85 -0.55 -5.30
CA PRO B 317 24.35 -0.37 -3.94
C PRO B 317 22.87 0.03 -3.91
N ASP B 318 22.14 -0.49 -2.93
CA ASP B 318 20.72 -0.20 -2.78
C ASP B 318 20.47 1.27 -2.43
N LEU B 319 21.38 1.87 -1.67
CA LEU B 319 21.22 3.27 -1.28
C LEU B 319 22.49 4.09 -1.43
N GLU B 320 22.33 5.40 -1.52
CA GLU B 320 23.47 6.29 -1.63
C GLU B 320 24.10 6.36 -0.25
N LYS B 321 25.38 6.69 -0.17
CA LYS B 321 26.06 6.76 1.12
C LYS B 321 25.40 7.79 2.03
N GLY B 322 25.16 7.39 3.28
CA GLY B 322 24.55 8.29 4.25
C GLY B 322 23.06 8.15 4.49
N CYS B 323 22.35 7.56 3.53
CA CYS B 323 20.91 7.37 3.62
C CYS B 323 20.53 6.28 4.64
N ARG B 324 19.61 6.60 5.55
CA ARG B 324 19.15 5.68 6.59
C ARG B 324 17.77 5.10 6.27
N CYS B 325 17.36 5.21 5.01
CA CYS B 325 16.04 4.75 4.56
C CYS B 325 15.79 3.30 4.97
N GLY B 326 16.88 2.55 5.18
CA GLY B 326 16.75 1.16 5.60
C GLY B 326 16.27 1.09 7.04
N ALA B 327 16.78 1.99 7.87
CA ALA B 327 16.41 2.06 9.28
C ALA B 327 14.99 2.60 9.41
N VAL B 328 14.67 3.55 8.52
CA VAL B 328 13.36 4.17 8.49
C VAL B 328 12.30 3.17 8.04
N LEU B 329 12.63 2.38 7.03
CA LEU B 329 11.72 1.38 6.52
C LEU B 329 11.48 0.26 7.55
N ARG B 330 12.48 -0.02 8.39
CA ARG B 330 12.38 -1.06 9.40
C ARG B 330 11.72 -0.57 10.67
N GLY B 331 11.47 0.72 10.75
CA GLY B 331 10.84 1.28 11.93
C GLY B 331 11.85 1.49 13.04
N LEU B 332 13.13 1.33 12.71
CA LEU B 332 14.17 1.51 13.70
C LEU B 332 14.57 2.97 13.86
N ALA B 333 14.12 3.83 12.95
CA ALA B 333 14.46 5.25 13.01
C ALA B 333 13.47 6.08 12.23
N LEU B 334 13.32 7.34 12.62
CA LEU B 334 12.42 8.23 11.91
C LEU B 334 13.27 9.08 10.99
N PRO B 335 12.64 9.75 10.01
CA PRO B 335 13.45 10.59 9.13
C PRO B 335 14.26 11.65 9.87
N THR B 336 13.76 12.13 10.99
CA THR B 336 14.50 13.13 11.73
C THR B 336 15.76 12.57 12.36
N ASP B 337 15.88 11.24 12.41
CA ASP B 337 17.10 10.64 12.97
C ASP B 337 18.10 10.47 11.85
N CYS B 338 17.89 11.17 10.75
CA CYS B 338 18.81 11.08 9.63
C CYS B 338 19.49 12.42 9.46
N PRO B 339 20.83 12.42 9.48
CA PRO B 339 21.62 13.65 9.33
C PRO B 339 21.33 14.39 8.03
N LEU B 340 20.96 13.66 6.99
CA LEU B 340 20.66 14.28 5.69
C LEU B 340 19.26 14.88 5.56
N PHE B 341 18.32 14.36 6.34
CA PHE B 341 16.92 14.82 6.27
C PHE B 341 16.77 16.34 6.36
N GLY B 342 16.19 16.94 5.32
CA GLY B 342 15.92 18.36 5.29
C GLY B 342 17.08 19.25 4.92
N LYS B 343 18.23 18.66 4.66
CA LYS B 343 19.40 19.41 4.27
C LYS B 343 19.73 18.99 2.87
N THR B 344 20.60 17.99 2.78
CA THR B 344 21.00 17.39 1.52
C THR B 344 19.84 16.68 0.85
N CYS B 345 18.99 16.04 1.65
CA CYS B 345 17.87 15.26 1.11
C CYS B 345 16.54 15.98 1.30
N THR B 346 15.87 16.21 0.17
CA THR B 346 14.57 16.86 0.14
C THR B 346 13.84 16.39 -1.12
N PRO B 347 12.51 16.54 -1.16
CA PRO B 347 11.75 16.10 -2.33
C PRO B 347 12.42 16.65 -3.59
N ARG B 348 12.81 17.92 -3.54
CA ARG B 348 13.48 18.58 -4.67
C ARG B 348 14.77 17.86 -5.05
N HIS B 349 15.67 17.68 -4.09
CA HIS B 349 16.93 16.99 -4.33
C HIS B 349 17.05 15.84 -3.35
N PRO B 350 16.35 14.74 -3.64
CA PRO B 350 16.34 13.56 -2.78
C PRO B 350 17.58 12.70 -2.88
N VAL B 351 17.95 12.08 -1.77
CA VAL B 351 19.10 11.20 -1.69
C VAL B 351 18.64 9.77 -1.78
N GLY B 352 17.61 9.42 -1.01
CA GLY B 352 17.08 8.07 -1.00
C GLY B 352 15.65 7.89 -1.51
N PRO B 353 15.22 6.64 -1.74
CA PRO B 353 13.85 6.41 -2.22
C PRO B 353 12.75 6.82 -1.23
N CYS B 354 13.04 6.74 0.06
CA CYS B 354 12.06 7.13 1.09
C CYS B 354 11.62 8.59 0.96
N MET B 355 12.41 9.42 0.29
CA MET B 355 12.08 10.84 0.13
C MET B 355 11.35 11.12 -1.19
N VAL B 356 11.56 10.23 -2.16
CA VAL B 356 10.94 10.39 -3.46
C VAL B 356 9.50 9.88 -3.47
N SER B 357 9.27 8.70 -2.90
CA SER B 357 7.95 8.07 -2.87
C SER B 357 6.85 8.84 -2.16
N TYR B 358 5.65 8.78 -2.74
CA TYR B 358 4.49 9.44 -2.17
C TYR B 358 4.24 8.87 -0.77
N GLU B 359 4.39 7.54 -0.65
CA GLU B 359 4.18 6.81 0.61
C GLU B 359 5.44 6.81 1.49
N GLY B 360 6.52 7.43 1.02
CA GLY B 360 7.76 7.44 1.78
C GLY B 360 7.62 8.17 3.09
N THR B 361 8.12 7.60 4.17
CA THR B 361 8.00 8.23 5.47
C THR B 361 8.77 9.55 5.51
N CYS B 362 9.90 9.61 4.80
CA CYS B 362 10.70 10.82 4.76
C CYS B 362 9.97 11.94 4.02
N GLN B 363 9.39 11.61 2.87
CA GLN B 363 8.66 12.64 2.15
C GLN B 363 7.51 13.13 3.00
N ILE B 364 6.81 12.20 3.63
CA ILE B 364 5.67 12.56 4.47
C ILE B 364 6.10 13.52 5.57
N PHE B 365 7.19 13.23 6.25
CA PHE B 365 7.70 14.11 7.31
C PHE B 365 8.09 15.48 6.74
N TYR B 366 8.74 15.48 5.58
CA TYR B 366 9.15 16.73 4.98
C TYR B 366 7.93 17.56 4.61
N LYS B 367 7.04 16.96 3.84
CA LYS B 367 5.81 17.61 3.38
C LYS B 367 5.01 18.33 4.48
N TYR B 368 4.95 17.73 5.67
CA TYR B 368 4.20 18.32 6.77
C TYR B 368 5.06 19.15 7.71
N GLY B 369 6.16 19.66 7.18
CA GLY B 369 7.05 20.51 7.95
C GLY B 369 7.64 19.96 9.23
N VAL B 370 7.66 18.64 9.40
CA VAL B 370 8.26 18.06 10.61
C VAL B 370 9.76 18.38 10.61
N LEU B 371 10.19 19.20 11.56
CA LEU B 371 11.60 19.56 11.67
C LEU B 371 12.21 18.76 12.80
N PHE B 372 11.34 18.37 13.73
CA PHE B 372 11.67 17.57 14.91
C PHE B 372 13.10 17.78 15.42
#